data_3IAO
#
_entry.id   3IAO
#
_cell.length_a   168
_cell.length_b   168
_cell.length_c   63.1
_cell.angle_alpha   90.00
_cell.angle_beta   90.00
_cell.angle_gamma   90.00
#
_symmetry.space_group_name_H-M   'I 41 2 2'
#
loop_
_entity.id
_entity.type
_entity.pdbx_description
1 polymer 'Multidrug-efflux transporter 1 regulator'
2 water water
#
_entity_poly.entity_id   1
_entity_poly.type   'polypeptide(L)'
_entity_poly.pdbx_seq_one_letter_code
;MKESYYSIGEVSKLANVSIKALRYYDKIDLFKPAYVDPDTSYRYYTDSQLIHLDLIKSLKYIGTPLEEMKKAQDLEMEEL
FAFYTEQERQIREKLDFLSALEQTISLVKKRMKRQMEYPALGEVFVLDEEEIRIIQTEAEGIGPENVLNASYSKLKKFIE
SADGFTNNSYGATFSFQPYTSIDEMTYRHIFTPVLTNKQISSITPDMEITTIPKGRYACIAYNFSPEHYFLNLQKLIKYI
ADRQLTVVSDVYQLIIPIHYSPKKQEEYRVEMKIEIAE
;
_entity_poly.pdbx_strand_id   A
#
# COMPACT_ATOMS: atom_id res chain seq x y z
N MET A 1 -32.60 -43.63 19.74
CA MET A 1 -33.67 -44.43 20.42
C MET A 1 -35.03 -43.99 19.88
N LYS A 2 -35.08 -42.73 19.48
CA LYS A 2 -36.28 -42.09 18.92
C LYS A 2 -35.77 -40.71 18.51
N GLU A 3 -36.46 -40.06 17.58
CA GLU A 3 -35.99 -38.75 17.16
C GLU A 3 -36.35 -37.67 18.18
N SER A 4 -35.45 -36.72 18.34
CA SER A 4 -35.65 -35.62 19.27
C SER A 4 -35.95 -34.37 18.49
N TYR A 5 -36.86 -33.54 19.01
CA TYR A 5 -37.21 -32.31 18.33
C TYR A 5 -36.95 -31.08 19.17
N TYR A 6 -36.56 -29.98 18.51
CA TYR A 6 -36.23 -28.72 19.17
C TYR A 6 -36.87 -27.52 18.47
N SER A 7 -37.17 -26.47 19.22
CA SER A 7 -37.76 -25.27 18.64
C SER A 7 -36.63 -24.40 18.10
N ILE A 8 -36.94 -23.43 17.25
CA ILE A 8 -35.88 -22.59 16.71
C ILE A 8 -35.06 -21.97 17.84
N GLY A 9 -35.69 -21.70 18.96
CA GLY A 9 -34.97 -21.11 20.06
C GLY A 9 -34.07 -22.10 20.77
N GLU A 10 -34.41 -23.37 20.66
CA GLU A 10 -33.61 -24.40 21.31
C GLU A 10 -32.42 -24.77 20.49
N VAL A 11 -32.52 -24.61 19.17
CA VAL A 11 -31.43 -24.94 18.26
C VAL A 11 -30.42 -23.81 18.33
N SER A 12 -30.90 -22.63 18.69
CA SER A 12 -30.06 -21.46 18.77
C SER A 12 -29.10 -21.54 19.94
N LYS A 13 -29.47 -22.31 20.96
CA LYS A 13 -28.62 -22.45 22.13
C LYS A 13 -27.66 -23.61 21.95
N LEU A 14 -28.14 -24.70 21.38
CA LEU A 14 -27.30 -25.87 21.14
C LEU A 14 -26.22 -25.42 20.16
N ALA A 15 -26.63 -24.97 18.97
CA ALA A 15 -25.69 -24.46 17.98
C ALA A 15 -25.56 -23.04 18.48
N ASN A 16 -24.49 -22.32 18.16
CA ASN A 16 -24.43 -20.95 18.65
C ASN A 16 -24.82 -19.99 17.53
N VAL A 17 -26.06 -20.09 17.10
CA VAL A 17 -26.60 -19.29 16.01
C VAL A 17 -27.81 -18.48 16.47
N SER A 18 -27.87 -17.23 16.05
CA SER A 18 -28.97 -16.34 16.40
C SER A 18 -30.28 -16.88 15.85
N ILE A 19 -31.37 -16.68 16.58
CA ILE A 19 -32.67 -17.15 16.11
C ILE A 19 -33.14 -16.23 15.01
N LYS A 20 -32.20 -15.56 14.37
CA LYS A 20 -32.47 -14.65 13.26
C LYS A 20 -31.67 -15.18 12.09
N ALA A 21 -30.49 -15.72 12.37
CA ALA A 21 -29.69 -16.28 11.33
C ALA A 21 -30.39 -17.58 10.96
N LEU A 22 -31.10 -18.15 11.92
CA LEU A 22 -31.82 -19.40 11.73
C LEU A 22 -32.96 -19.29 10.74
N ARG A 23 -33.70 -18.19 10.79
CA ARG A 23 -34.83 -17.96 9.90
C ARG A 23 -34.35 -17.60 8.53
N TYR A 24 -33.22 -16.91 8.49
CA TYR A 24 -32.62 -16.49 7.24
C TYR A 24 -32.24 -17.75 6.49
N TYR A 25 -31.65 -18.72 7.22
CA TYR A 25 -31.24 -19.98 6.63
C TYR A 25 -32.47 -20.75 6.20
N ASP A 26 -33.56 -20.64 6.98
CA ASP A 26 -34.77 -21.35 6.62
C ASP A 26 -35.40 -20.72 5.38
N LYS A 27 -35.46 -19.40 5.35
CA LYS A 27 -36.04 -18.67 4.23
C LYS A 27 -35.37 -18.84 2.88
N ILE A 28 -34.05 -18.91 2.87
CA ILE A 28 -33.31 -19.11 1.63
C ILE A 28 -33.11 -20.61 1.41
N ASP A 29 -33.86 -21.41 2.15
CA ASP A 29 -33.79 -22.85 2.09
C ASP A 29 -32.36 -23.39 2.11
N LEU A 30 -31.68 -23.18 3.24
CA LEU A 30 -30.34 -23.65 3.48
C LEU A 30 -30.41 -24.61 4.66
N PHE A 31 -31.24 -24.26 5.63
CA PHE A 31 -31.48 -25.08 6.82
C PHE A 31 -32.93 -24.86 7.23
N LYS A 32 -33.74 -25.90 7.10
CA LYS A 32 -35.16 -25.83 7.42
C LYS A 32 -35.64 -26.84 8.44
N PRO A 33 -36.42 -26.38 9.43
CA PRO A 33 -36.93 -27.33 10.42
C PRO A 33 -37.52 -28.48 9.67
N ALA A 34 -36.93 -29.63 9.86
CA ALA A 34 -37.39 -30.82 9.15
C ALA A 34 -38.78 -31.30 9.52
N TYR A 35 -39.32 -30.82 10.62
CA TYR A 35 -40.61 -31.30 11.11
C TYR A 35 -41.65 -30.24 11.39
N VAL A 36 -42.92 -30.64 11.39
CA VAL A 36 -44.03 -29.74 11.66
C VAL A 36 -45.16 -30.44 12.40
N ASP A 37 -45.31 -30.11 13.68
CA ASP A 37 -46.36 -30.66 14.49
C ASP A 37 -47.67 -30.19 13.88
N PRO A 38 -48.56 -31.14 13.55
CA PRO A 38 -49.87 -30.93 12.94
C PRO A 38 -50.87 -30.18 13.81
N ASP A 39 -50.74 -30.32 15.13
CA ASP A 39 -51.64 -29.65 16.09
C ASP A 39 -51.30 -28.16 16.15
N THR A 40 -50.11 -27.85 16.65
CA THR A 40 -49.65 -26.48 16.79
C THR A 40 -49.35 -25.84 15.44
N SER A 41 -48.85 -26.65 14.51
CA SER A 41 -48.51 -26.16 13.18
C SER A 41 -47.17 -25.41 13.28
N TYR A 42 -46.45 -25.64 14.38
CA TYR A 42 -45.17 -25.01 14.59
C TYR A 42 -44.10 -25.95 14.09
N ARG A 43 -43.01 -25.42 13.57
CA ARG A 43 -41.95 -26.26 13.06
C ARG A 43 -40.84 -26.60 14.04
N TYR A 44 -40.46 -27.88 14.05
CA TYR A 44 -39.42 -28.34 14.95
C TYR A 44 -38.20 -28.83 14.19
N TYR A 45 -37.04 -28.58 14.78
CA TYR A 45 -35.78 -29.01 14.20
C TYR A 45 -35.57 -30.43 14.68
N THR A 46 -34.90 -31.23 13.88
CA THR A 46 -34.67 -32.61 14.22
C THR A 46 -33.24 -32.80 14.72
N ASP A 47 -33.03 -33.53 15.82
CA ASP A 47 -31.67 -33.73 16.33
C ASP A 47 -30.76 -34.24 15.22
N SER A 48 -31.30 -35.05 14.32
CA SER A 48 -30.53 -35.59 13.23
C SER A 48 -29.99 -34.55 12.26
N GLN A 49 -30.82 -33.60 11.86
CA GLN A 49 -30.42 -32.57 10.90
C GLN A 49 -29.45 -31.51 11.39
N LEU A 50 -29.16 -31.50 12.68
CA LEU A 50 -28.25 -30.50 13.24
C LEU A 50 -26.88 -30.56 12.61
N ILE A 51 -26.40 -31.78 12.35
CA ILE A 51 -25.10 -32.01 11.76
C ILE A 51 -24.87 -31.08 10.56
N HIS A 52 -25.94 -30.79 9.84
CA HIS A 52 -25.90 -29.92 8.67
C HIS A 52 -25.48 -28.50 8.99
N LEU A 53 -25.70 -28.08 10.24
CA LEU A 53 -25.32 -26.73 10.65
C LEU A 53 -23.81 -26.61 10.71
N ASP A 54 -23.14 -27.70 11.02
CA ASP A 54 -21.70 -27.73 11.11
C ASP A 54 -21.05 -27.10 9.89
N LEU A 55 -21.44 -27.56 8.70
CA LEU A 55 -20.86 -27.03 7.46
C LEU A 55 -21.25 -25.57 7.27
N ILE A 56 -22.53 -25.27 7.48
CA ILE A 56 -23.05 -23.92 7.33
C ILE A 56 -22.31 -22.91 8.20
N LYS A 57 -21.90 -23.34 9.39
CA LYS A 57 -21.22 -22.49 10.34
C LYS A 57 -19.73 -22.32 10.07
N SER A 58 -19.11 -23.34 9.49
CA SER A 58 -17.69 -23.26 9.18
C SER A 58 -17.54 -22.40 7.95
N LEU A 59 -18.51 -22.51 7.04
CA LEU A 59 -18.51 -21.76 5.78
C LEU A 59 -18.83 -20.30 6.04
N LYS A 60 -19.84 -20.05 6.85
CA LYS A 60 -20.18 -18.68 7.17
C LYS A 60 -18.91 -18.06 7.71
N TYR A 61 -18.32 -18.71 8.71
CA TYR A 61 -17.11 -18.25 9.37
C TYR A 61 -16.01 -17.82 8.39
N ILE A 62 -15.71 -18.63 7.39
CA ILE A 62 -14.67 -18.24 6.43
C ILE A 62 -15.20 -17.20 5.43
N GLY A 63 -16.37 -16.67 5.73
CA GLY A 63 -16.98 -15.66 4.87
C GLY A 63 -17.49 -16.17 3.54
N THR A 64 -17.68 -17.47 3.41
CA THR A 64 -18.16 -18.04 2.15
C THR A 64 -19.56 -17.49 1.79
N PRO A 65 -19.81 -17.23 0.50
CA PRO A 65 -21.13 -16.72 0.14
C PRO A 65 -22.23 -17.78 0.01
N LEU A 66 -23.48 -17.32 0.06
CA LEU A 66 -24.67 -18.17 -0.05
C LEU A 66 -24.60 -19.30 -1.10
N GLU A 67 -24.55 -18.89 -2.36
CA GLU A 67 -24.55 -19.83 -3.47
C GLU A 67 -23.44 -20.83 -3.51
N GLU A 68 -22.49 -20.71 -2.60
CA GLU A 68 -21.39 -21.66 -2.52
C GLU A 68 -21.62 -22.50 -1.29
N MET A 69 -22.48 -22.00 -0.40
CA MET A 69 -22.80 -22.70 0.82
C MET A 69 -23.77 -23.79 0.42
N LYS A 70 -24.63 -23.49 -0.56
CA LYS A 70 -25.60 -24.46 -1.04
C LYS A 70 -24.91 -25.49 -1.94
N LYS A 71 -23.93 -25.02 -2.68
CA LYS A 71 -23.17 -25.88 -3.58
C LYS A 71 -22.36 -26.91 -2.79
N ALA A 72 -21.59 -26.42 -1.81
CA ALA A 72 -20.76 -27.26 -0.97
C ALA A 72 -21.59 -28.23 -0.14
N GLN A 73 -22.83 -27.83 0.11
CA GLN A 73 -23.76 -28.62 0.90
C GLN A 73 -23.98 -30.02 0.32
N ASP A 74 -23.95 -30.14 -1.01
CA ASP A 74 -24.16 -31.44 -1.66
C ASP A 74 -22.88 -32.15 -2.10
N LEU A 75 -21.74 -31.59 -1.75
CA LEU A 75 -20.44 -32.18 -2.08
C LEU A 75 -20.13 -33.25 -1.06
N GLU A 76 -19.68 -34.42 -1.51
CA GLU A 76 -19.29 -35.44 -0.54
C GLU A 76 -17.79 -35.23 -0.34
N MET A 77 -17.17 -36.07 0.48
CA MET A 77 -15.75 -35.90 0.79
C MET A 77 -14.78 -35.44 -0.29
N GLU A 78 -14.72 -36.12 -1.44
CA GLU A 78 -13.77 -35.71 -2.46
C GLU A 78 -14.00 -34.28 -2.93
N GLU A 79 -15.15 -34.03 -3.54
CA GLU A 79 -15.48 -32.69 -4.03
C GLU A 79 -15.27 -31.64 -2.93
N LEU A 80 -15.91 -31.84 -1.79
CA LEU A 80 -15.79 -30.89 -0.70
C LEU A 80 -14.33 -30.57 -0.41
N PHE A 81 -13.47 -31.54 -0.67
CA PHE A 81 -12.03 -31.37 -0.44
C PHE A 81 -11.45 -30.32 -1.37
N ALA A 82 -11.70 -30.47 -2.67
CA ALA A 82 -11.21 -29.53 -3.66
C ALA A 82 -11.87 -28.19 -3.40
N PHE A 83 -13.01 -28.22 -2.74
CA PHE A 83 -13.76 -27.01 -2.41
C PHE A 83 -12.92 -26.06 -1.53
N TYR A 84 -12.29 -26.61 -0.49
CA TYR A 84 -11.44 -25.82 0.40
C TYR A 84 -10.13 -25.41 -0.27
N THR A 85 -9.53 -26.31 -1.04
CA THR A 85 -8.28 -25.98 -1.73
C THR A 85 -8.57 -24.69 -2.49
N GLU A 86 -9.85 -24.50 -2.82
CA GLU A 86 -10.33 -23.31 -3.52
C GLU A 86 -10.58 -22.16 -2.58
N GLN A 87 -10.75 -22.47 -1.30
CA GLN A 87 -10.97 -21.44 -0.30
C GLN A 87 -9.58 -20.95 0.13
N GLU A 88 -8.67 -21.88 0.43
CA GLU A 88 -7.31 -21.53 0.84
C GLU A 88 -6.66 -20.75 -0.29
N ARG A 89 -7.28 -20.79 -1.46
CA ARG A 89 -6.77 -20.11 -2.64
C ARG A 89 -7.23 -18.67 -2.54
N GLN A 90 -8.47 -18.48 -2.10
CA GLN A 90 -9.06 -17.15 -1.95
C GLN A 90 -8.56 -16.40 -0.72
N ILE A 91 -8.20 -17.14 0.33
CA ILE A 91 -7.71 -16.53 1.55
C ILE A 91 -6.30 -16.03 1.28
N ARG A 92 -5.57 -16.78 0.47
CA ARG A 92 -4.21 -16.42 0.11
C ARG A 92 -4.17 -15.04 -0.52
N GLU A 93 -5.03 -14.80 -1.49
CA GLU A 93 -5.05 -13.51 -2.15
C GLU A 93 -5.20 -12.47 -1.04
N LYS A 94 -6.18 -12.66 -0.18
CA LYS A 94 -6.43 -11.75 0.92
C LYS A 94 -5.18 -11.62 1.78
N LEU A 95 -4.43 -12.71 1.85
CA LEU A 95 -3.23 -12.79 2.66
C LEU A 95 -2.04 -12.07 2.03
N ASP A 96 -1.80 -12.35 0.75
CA ASP A 96 -0.70 -11.75 0.01
C ASP A 96 -0.90 -10.24 -0.10
N PHE A 97 -2.16 -9.83 -0.22
CA PHE A 97 -2.52 -8.43 -0.31
C PHE A 97 -2.11 -7.73 0.97
N LEU A 98 -2.68 -8.16 2.09
CA LEU A 98 -2.37 -7.58 3.39
C LEU A 98 -0.87 -7.67 3.70
N SER A 99 -0.23 -8.70 3.17
CA SER A 99 1.19 -8.87 3.41
C SER A 99 1.94 -7.88 2.50
N ALA A 100 1.28 -7.50 1.41
CA ALA A 100 1.86 -6.56 0.46
C ALA A 100 1.75 -5.16 1.05
N LEU A 101 0.54 -4.79 1.46
CA LEU A 101 0.28 -3.48 2.05
C LEU A 101 1.23 -3.26 3.18
N GLU A 102 1.42 -4.32 3.97
CA GLU A 102 2.28 -4.24 5.12
C GLU A 102 3.69 -3.79 4.76
N GLN A 103 4.24 -4.36 3.70
CA GLN A 103 5.58 -3.97 3.31
C GLN A 103 5.56 -2.51 2.87
N THR A 104 4.70 -2.18 1.91
CA THR A 104 4.63 -0.81 1.41
C THR A 104 4.35 0.20 2.52
N ILE A 105 4.02 -0.27 3.71
CA ILE A 105 3.78 0.66 4.83
C ILE A 105 5.04 0.78 5.66
N SER A 106 5.74 -0.34 5.88
CA SER A 106 6.97 -0.29 6.65
C SER A 106 8.01 0.43 5.79
N LEU A 107 7.85 0.26 4.48
CA LEU A 107 8.73 0.88 3.50
C LEU A 107 8.53 2.41 3.53
N VAL A 108 7.28 2.85 3.57
CA VAL A 108 6.95 4.27 3.60
C VAL A 108 7.48 4.90 4.89
N LYS A 109 7.60 4.09 5.93
CA LYS A 109 8.06 4.57 7.22
C LYS A 109 9.57 4.63 7.40
N LYS A 110 10.30 3.66 6.84
CA LYS A 110 11.75 3.67 6.96
C LYS A 110 12.22 5.03 6.44
N ARG A 111 11.52 5.50 5.43
CA ARG A 111 11.83 6.77 4.79
C ARG A 111 11.46 7.97 5.63
N MET A 112 10.26 7.96 6.22
CA MET A 112 9.81 9.06 7.08
C MET A 112 10.76 9.13 8.26
N LYS A 113 11.16 7.94 8.71
CA LYS A 113 12.06 7.80 9.84
C LYS A 113 13.34 8.57 9.60
N ARG A 114 14.15 8.13 8.63
CA ARG A 114 15.40 8.82 8.28
C ARG A 114 15.20 10.32 8.35
N GLN A 115 14.28 10.81 7.55
CA GLN A 115 14.00 12.23 7.53
C GLN A 115 14.04 12.72 8.98
N MET A 116 13.21 12.15 9.83
CA MET A 116 13.15 12.55 11.22
C MET A 116 14.46 12.44 11.98
N GLU A 117 15.17 11.32 11.81
CA GLU A 117 16.44 11.11 12.50
C GLU A 117 17.64 11.62 11.71
N TYR A 118 17.49 12.77 11.07
CA TYR A 118 18.58 13.31 10.29
C TYR A 118 19.73 13.77 11.19
N PRO A 119 20.96 13.24 10.94
CA PRO A 119 22.12 13.61 11.75
C PRO A 119 22.07 15.08 12.19
N ALA A 120 22.08 15.98 11.21
CA ALA A 120 22.00 17.41 11.47
C ALA A 120 21.20 17.99 10.30
N LEU A 121 20.39 18.99 10.58
CA LEU A 121 19.51 19.58 9.57
C LEU A 121 19.95 20.90 8.95
N GLY A 122 20.44 20.86 7.72
CA GLY A 122 20.88 22.07 7.05
C GLY A 122 22.39 22.05 7.01
N GLU A 123 22.93 20.85 7.20
CA GLU A 123 24.35 20.60 7.22
C GLU A 123 24.62 19.54 6.15
N VAL A 124 25.87 19.31 5.81
CA VAL A 124 26.22 18.32 4.79
C VAL A 124 26.87 17.08 5.39
N PHE A 125 26.51 15.92 4.86
CA PHE A 125 27.04 14.64 5.33
C PHE A 125 27.21 13.68 4.16
N VAL A 126 28.04 12.66 4.35
CA VAL A 126 28.25 11.66 3.32
C VAL A 126 27.82 10.31 3.86
N LEU A 127 26.61 9.91 3.52
CA LEU A 127 26.11 8.61 3.97
C LEU A 127 25.94 7.72 2.76
N ASP A 128 26.07 6.41 2.98
CA ASP A 128 25.92 5.48 1.89
C ASP A 128 24.45 5.11 1.80
N GLU A 129 23.97 4.83 0.59
CA GLU A 129 22.56 4.49 0.40
C GLU A 129 22.43 3.25 -0.48
N GLU A 130 21.22 3.03 -1.02
CA GLU A 130 20.98 1.86 -1.85
C GLU A 130 20.11 2.09 -3.06
N GLU A 131 20.05 1.09 -3.91
CA GLU A 131 19.27 1.11 -5.13
C GLU A 131 17.82 1.51 -4.84
N ILE A 132 17.46 2.74 -5.20
CA ILE A 132 16.10 3.22 -5.02
C ILE A 132 15.48 3.24 -6.43
N ARG A 133 14.78 2.17 -6.79
CA ARG A 133 14.13 2.11 -8.10
C ARG A 133 13.29 3.37 -8.25
N ILE A 134 13.18 3.89 -9.46
CA ILE A 134 12.40 5.11 -9.70
C ILE A 134 11.81 5.13 -11.08
N ILE A 135 10.64 5.75 -11.23
CA ILE A 135 10.05 5.89 -12.54
C ILE A 135 10.36 7.33 -12.86
N GLN A 136 10.87 7.55 -14.05
CA GLN A 136 11.32 8.87 -14.42
C GLN A 136 10.66 9.35 -15.69
N THR A 137 10.68 10.65 -15.89
CA THR A 137 10.17 11.26 -17.12
C THR A 137 10.93 12.56 -17.28
N GLU A 138 10.87 13.15 -18.46
CA GLU A 138 11.57 14.39 -18.73
C GLU A 138 10.93 15.68 -18.22
N ALA A 139 11.72 16.47 -17.49
CA ALA A 139 11.26 17.74 -16.92
C ALA A 139 11.54 18.85 -17.90
N GLU A 140 11.16 18.66 -19.15
CA GLU A 140 11.45 19.66 -20.17
C GLU A 140 11.03 21.09 -19.85
N GLY A 141 12.02 21.94 -19.65
CA GLY A 141 11.74 23.33 -19.36
C GLY A 141 11.39 23.63 -17.92
N ILE A 142 10.70 22.69 -17.28
CA ILE A 142 10.32 22.89 -15.90
C ILE A 142 11.54 22.94 -14.99
N GLY A 143 11.55 23.91 -14.09
CA GLY A 143 12.66 24.07 -13.20
C GLY A 143 12.20 24.17 -11.76
N PRO A 144 13.11 24.50 -10.82
CA PRO A 144 12.79 24.63 -9.41
C PRO A 144 11.74 25.69 -9.12
N GLU A 145 11.27 26.36 -10.15
CA GLU A 145 10.28 27.42 -9.97
C GLU A 145 9.25 27.35 -11.09
N ASN A 146 9.04 26.14 -11.58
CA ASN A 146 8.12 25.91 -12.67
C ASN A 146 7.24 24.69 -12.44
N VAL A 147 7.85 23.62 -11.94
CA VAL A 147 7.14 22.38 -11.69
C VAL A 147 5.81 22.57 -10.97
N LEU A 148 4.85 21.74 -11.33
CA LEU A 148 3.51 21.73 -10.75
C LEU A 148 3.27 20.34 -10.16
N ASN A 149 2.25 20.20 -9.32
CA ASN A 149 1.96 18.88 -8.77
C ASN A 149 1.42 17.99 -9.88
N ALA A 150 0.72 18.61 -10.82
CA ALA A 150 0.14 17.89 -11.94
C ALA A 150 1.21 17.43 -12.94
N SER A 151 2.43 17.91 -12.75
CA SER A 151 3.54 17.54 -13.61
C SER A 151 3.87 16.07 -13.34
N TYR A 152 3.46 15.61 -12.17
CA TYR A 152 3.69 14.24 -11.74
C TYR A 152 2.39 13.41 -11.80
N SER A 153 1.52 13.64 -12.76
CA SER A 153 0.28 12.90 -12.84
C SER A 153 0.64 11.52 -13.32
N LYS A 154 0.98 11.41 -14.60
CA LYS A 154 1.34 10.13 -15.18
C LYS A 154 2.21 9.27 -14.28
N LEU A 155 3.24 9.87 -13.69
CA LEU A 155 4.12 9.12 -12.81
C LEU A 155 3.42 8.53 -11.59
N LYS A 156 2.35 9.18 -11.14
CA LYS A 156 1.64 8.69 -9.96
C LYS A 156 0.53 7.72 -10.26
N LYS A 157 -0.03 7.83 -11.47
CA LYS A 157 -1.05 6.90 -11.90
C LYS A 157 -0.35 5.62 -12.29
N PHE A 158 0.80 5.40 -11.65
CA PHE A 158 1.60 4.23 -11.89
C PHE A 158 2.00 3.63 -10.57
N ILE A 159 2.67 4.44 -9.76
CA ILE A 159 3.08 3.99 -8.44
C ILE A 159 1.84 3.37 -7.78
N GLU A 160 0.67 3.92 -8.09
CA GLU A 160 -0.61 3.45 -7.56
C GLU A 160 -0.99 2.06 -8.08
N SER A 161 -0.89 1.87 -9.39
CA SER A 161 -1.24 0.60 -10.00
C SER A 161 -0.21 -0.48 -9.70
N ALA A 162 0.65 -0.21 -8.73
CA ALA A 162 1.68 -1.14 -8.32
C ALA A 162 1.65 -1.19 -6.81
N ASP A 163 1.54 -0.01 -6.21
CA ASP A 163 1.52 0.12 -4.76
C ASP A 163 0.16 0.53 -4.17
N GLY A 164 -0.74 1.05 -5.00
CA GLY A 164 -2.03 1.48 -4.50
C GLY A 164 -1.85 2.79 -3.75
N PHE A 165 -0.64 2.94 -3.21
CA PHE A 165 -0.22 4.13 -2.47
C PHE A 165 0.09 5.14 -3.55
N THR A 166 0.40 6.37 -3.16
CA THR A 166 0.76 7.35 -4.17
C THR A 166 2.23 7.43 -3.83
N ASN A 167 2.86 8.56 -4.13
CA ASN A 167 4.29 8.72 -3.87
C ASN A 167 4.68 9.40 -2.56
N ASN A 168 5.59 8.75 -1.88
CA ASN A 168 6.14 9.25 -0.65
C ASN A 168 6.70 10.62 -0.97
N SER A 169 7.46 10.70 -2.06
CA SER A 169 8.08 11.97 -2.45
C SER A 169 8.02 12.34 -3.91
N TYR A 170 8.41 13.58 -4.16
CA TYR A 170 8.45 14.13 -5.50
C TYR A 170 9.91 14.35 -5.87
N GLY A 171 10.40 13.54 -6.79
CA GLY A 171 11.79 13.65 -7.21
C GLY A 171 12.04 14.56 -8.39
N ALA A 172 13.31 14.91 -8.56
CA ALA A 172 13.71 15.76 -9.66
C ALA A 172 15.23 15.74 -9.68
N THR A 173 15.82 15.87 -10.84
CA THR A 173 17.26 15.89 -10.91
C THR A 173 17.73 17.07 -11.73
N PHE A 174 19.03 17.30 -11.69
CA PHE A 174 19.63 18.36 -12.45
C PHE A 174 21.13 18.17 -12.42
N SER A 175 21.79 18.71 -13.44
CA SER A 175 23.23 18.63 -13.58
C SER A 175 23.95 19.29 -12.41
N PHE A 176 25.02 18.66 -11.91
CA PHE A 176 25.81 19.27 -10.84
C PHE A 176 26.65 20.35 -11.53
N GLN A 177 26.36 21.61 -11.25
CA GLN A 177 27.06 22.72 -11.85
C GLN A 177 27.27 23.79 -10.78
N PRO A 178 28.24 24.68 -10.98
CA PRO A 178 28.43 25.72 -9.94
C PRO A 178 27.50 26.91 -10.16
N TYR A 179 26.18 26.68 -10.03
CA TYR A 179 25.19 27.73 -10.24
C TYR A 179 25.38 28.99 -9.39
N THR A 180 24.95 30.12 -9.93
CA THR A 180 25.05 31.38 -9.20
C THR A 180 23.66 31.95 -9.01
N SER A 181 22.80 31.74 -10.00
CA SER A 181 21.42 32.21 -9.96
C SER A 181 20.45 31.03 -10.02
N ILE A 182 19.22 31.23 -9.52
CA ILE A 182 18.22 30.17 -9.49
C ILE A 182 17.79 29.84 -10.92
N ASP A 183 17.74 30.86 -11.77
CA ASP A 183 17.33 30.64 -13.14
C ASP A 183 18.42 30.03 -13.99
N GLU A 184 19.50 29.58 -13.35
CA GLU A 184 20.61 28.97 -14.05
C GLU A 184 20.28 27.49 -14.18
N MET A 185 19.41 27.02 -13.30
CA MET A 185 19.04 25.62 -13.26
C MET A 185 17.68 25.22 -13.83
N THR A 186 17.70 24.07 -14.49
CA THR A 186 16.54 23.45 -15.09
C THR A 186 16.60 21.96 -14.71
N TYR A 187 15.47 21.38 -14.41
CA TYR A 187 15.43 19.96 -14.08
C TYR A 187 15.71 19.17 -15.34
N ARG A 188 16.42 18.06 -15.22
CA ARG A 188 16.67 17.22 -16.38
C ARG A 188 15.46 16.28 -16.41
N HIS A 189 15.14 15.71 -15.25
CA HIS A 189 14.02 14.80 -15.08
C HIS A 189 13.19 15.11 -13.84
N ILE A 190 12.08 14.41 -13.71
CA ILE A 190 11.23 14.49 -12.54
C ILE A 190 10.84 13.04 -12.37
N PHE A 191 10.87 12.54 -11.14
CA PHE A 191 10.54 11.14 -10.88
C PHE A 191 9.84 10.94 -9.54
N THR A 192 9.47 9.70 -9.29
CA THR A 192 8.84 9.32 -8.04
C THR A 192 9.37 7.92 -7.80
N PRO A 193 9.87 7.65 -6.59
CA PRO A 193 10.39 6.31 -6.32
C PRO A 193 9.31 5.24 -6.33
N VAL A 194 9.67 4.05 -6.76
CA VAL A 194 8.75 2.93 -6.80
C VAL A 194 8.89 2.13 -5.51
N LEU A 195 7.80 1.54 -5.03
CA LEU A 195 7.85 0.77 -3.80
C LEU A 195 7.84 -0.74 -4.05
N THR A 196 7.65 -1.13 -5.31
CA THR A 196 7.64 -2.54 -5.69
C THR A 196 8.01 -2.70 -7.16
N SER A 201 4.76 -2.85 -15.71
CA SER A 201 4.16 -3.30 -16.97
C SER A 201 3.33 -2.18 -17.66
N SER A 202 3.11 -2.33 -18.96
CA SER A 202 2.42 -1.35 -19.77
C SER A 202 2.92 0.03 -19.36
N ILE A 203 4.25 0.17 -19.26
CA ILE A 203 4.81 1.49 -18.99
C ILE A 203 4.97 2.03 -20.39
N THR A 204 4.58 3.27 -20.57
CA THR A 204 4.65 3.92 -21.86
C THR A 204 6.09 4.43 -22.05
N PRO A 205 6.52 4.56 -23.32
CA PRO A 205 7.83 5.02 -23.77
C PRO A 205 8.35 6.34 -23.21
N ASP A 206 7.45 7.29 -22.95
CA ASP A 206 7.85 8.59 -22.41
C ASP A 206 8.28 8.50 -20.96
N MET A 207 8.31 7.29 -20.43
CA MET A 207 8.68 7.07 -19.04
C MET A 207 9.74 6.02 -18.96
N GLU A 208 10.58 6.12 -17.93
CA GLU A 208 11.67 5.19 -17.77
C GLU A 208 11.77 4.67 -16.35
N ILE A 209 11.84 3.36 -16.25
CA ILE A 209 12.00 2.74 -14.96
C ILE A 209 13.52 2.67 -14.91
N THR A 210 14.10 3.23 -13.86
CA THR A 210 15.54 3.25 -13.68
C THR A 210 15.81 3.27 -12.19
N THR A 211 16.95 3.82 -11.79
CA THR A 211 17.28 3.86 -10.36
C THR A 211 18.29 4.92 -9.96
N ILE A 212 18.44 5.06 -8.65
CA ILE A 212 19.40 5.97 -8.02
C ILE A 212 20.34 4.93 -7.40
N PRO A 213 21.42 4.56 -8.10
CA PRO A 213 22.37 3.56 -7.61
C PRO A 213 22.84 3.78 -6.19
N LYS A 214 23.58 2.81 -5.68
CA LYS A 214 24.09 2.91 -4.33
C LYS A 214 25.55 3.30 -4.34
N GLY A 215 25.97 3.98 -3.27
CA GLY A 215 27.35 4.42 -3.13
C GLY A 215 27.37 5.57 -2.14
N ARG A 216 28.50 6.23 -1.99
CA ARG A 216 28.57 7.36 -1.08
C ARG A 216 27.78 8.52 -1.68
N TYR A 217 27.07 9.25 -0.84
CA TYR A 217 26.31 10.41 -1.31
C TYR A 217 26.52 11.57 -0.38
N ALA A 218 26.67 12.77 -0.96
CA ALA A 218 26.87 13.98 -0.17
C ALA A 218 25.51 14.66 -0.08
N CYS A 219 24.77 14.34 0.98
CA CYS A 219 23.43 14.90 1.15
C CYS A 219 23.32 16.03 2.14
N ILE A 220 22.29 16.84 1.95
CA ILE A 220 21.99 17.95 2.85
C ILE A 220 20.48 17.97 2.89
N ALA A 221 19.91 18.11 4.07
CA ALA A 221 18.46 18.14 4.21
C ALA A 221 18.07 19.29 5.12
N TYR A 222 16.91 19.86 4.87
CA TYR A 222 16.41 20.98 5.64
C TYR A 222 14.93 21.17 5.33
N ASN A 223 14.22 21.89 6.19
CA ASN A 223 12.81 22.09 5.93
C ASN A 223 12.71 23.35 5.08
N PHE A 224 11.97 23.22 3.99
CA PHE A 224 11.75 24.30 3.04
C PHE A 224 11.47 25.74 3.50
N SER A 225 11.88 26.65 2.64
CA SER A 225 11.75 28.10 2.77
C SER A 225 12.19 28.56 1.40
N PRO A 226 11.43 29.47 0.78
CA PRO A 226 11.77 29.97 -0.55
C PRO A 226 13.17 30.54 -0.73
N GLU A 227 14.01 30.45 0.31
CA GLU A 227 15.34 31.02 0.22
C GLU A 227 16.51 30.16 0.74
N HIS A 228 16.22 29.05 1.42
CA HIS A 228 17.29 28.17 1.91
C HIS A 228 17.74 27.30 0.77
N TYR A 229 16.81 27.05 -0.14
CA TYR A 229 17.03 26.21 -1.30
C TYR A 229 18.36 26.42 -2.01
N PHE A 230 18.52 27.57 -2.67
CA PHE A 230 19.75 27.84 -3.39
C PHE A 230 20.95 27.80 -2.47
N LEU A 231 20.87 28.54 -1.38
CA LEU A 231 21.95 28.60 -0.42
C LEU A 231 22.47 27.22 -0.08
N ASN A 232 21.55 26.31 0.23
CA ASN A 232 21.87 24.94 0.58
C ASN A 232 22.48 24.15 -0.56
N LEU A 233 22.09 24.47 -1.79
CA LEU A 233 22.63 23.79 -2.95
C LEU A 233 24.12 24.12 -2.95
N GLN A 234 24.38 25.41 -3.15
CA GLN A 234 25.73 25.99 -3.17
C GLN A 234 26.65 25.40 -2.10
N LYS A 235 26.11 25.24 -0.90
CA LYS A 235 26.84 24.72 0.25
C LYS A 235 27.17 23.24 0.12
N LEU A 236 26.47 22.55 -0.78
CA LEU A 236 26.70 21.13 -1.04
C LEU A 236 27.85 21.16 -2.03
N ILE A 237 27.74 22.08 -3.00
CA ILE A 237 28.72 22.29 -4.04
C ILE A 237 30.03 22.51 -3.31
N LYS A 238 30.07 23.63 -2.60
CA LYS A 238 31.23 24.02 -1.82
C LYS A 238 31.81 22.84 -1.04
N TYR A 239 30.97 22.11 -0.32
CA TYR A 239 31.43 20.96 0.46
C TYR A 239 32.15 19.99 -0.44
N ILE A 240 31.55 19.70 -1.59
CA ILE A 240 32.14 18.78 -2.54
C ILE A 240 33.46 19.35 -3.03
N ALA A 241 33.44 20.65 -3.28
CA ALA A 241 34.61 21.37 -3.74
C ALA A 241 35.75 21.36 -2.73
N ASP A 242 35.48 21.81 -1.52
CA ASP A 242 36.49 21.87 -0.46
C ASP A 242 37.10 20.50 -0.19
N ARG A 243 36.58 19.45 -0.80
CA ARG A 243 37.11 18.12 -0.60
C ARG A 243 37.75 17.55 -1.85
N GLN A 244 37.59 18.25 -2.97
CA GLN A 244 38.13 17.76 -4.23
C GLN A 244 37.49 16.38 -4.39
N LEU A 245 36.17 16.36 -4.44
CA LEU A 245 35.48 15.10 -4.58
C LEU A 245 34.95 14.92 -6.00
N THR A 246 34.91 13.67 -6.45
CA THR A 246 34.44 13.38 -7.79
C THR A 246 32.97 12.98 -7.77
N VAL A 247 32.11 13.84 -8.31
CA VAL A 247 30.69 13.57 -8.35
C VAL A 247 30.43 12.73 -9.60
N VAL A 248 29.66 11.66 -9.44
CA VAL A 248 29.36 10.78 -10.56
C VAL A 248 27.87 10.67 -10.85
N SER A 249 27.10 11.69 -10.49
CA SER A 249 25.67 11.66 -10.73
C SER A 249 25.12 13.06 -10.91
N ASP A 250 23.85 13.10 -11.27
CA ASP A 250 23.15 14.36 -11.40
C ASP A 250 22.92 14.70 -9.94
N VAL A 251 22.24 15.79 -9.68
CA VAL A 251 21.91 16.12 -8.31
C VAL A 251 20.51 15.57 -8.18
N TYR A 252 20.25 14.88 -7.07
CA TYR A 252 18.93 14.31 -6.86
C TYR A 252 18.19 15.12 -5.83
N GLN A 253 16.96 15.48 -6.15
CA GLN A 253 16.16 16.28 -5.22
C GLN A 253 14.87 15.55 -4.88
N LEU A 254 14.58 15.52 -3.58
CA LEU A 254 13.39 14.86 -3.06
C LEU A 254 12.61 15.77 -2.13
N ILE A 255 11.52 16.33 -2.62
CA ILE A 255 10.68 17.17 -1.80
C ILE A 255 9.68 16.19 -1.19
N ILE A 256 9.19 16.51 0.00
CA ILE A 256 8.25 15.65 0.70
C ILE A 256 7.59 16.45 1.81
N PRO A 257 6.26 16.56 1.76
CA PRO A 257 5.44 17.28 2.73
C PRO A 257 5.54 16.84 4.20
N ILE A 258 5.65 17.84 5.08
CA ILE A 258 5.75 17.61 6.52
C ILE A 258 4.39 17.17 7.05
N HIS A 259 3.33 17.69 6.43
CA HIS A 259 1.96 17.36 6.81
C HIS A 259 1.11 17.59 5.57
N TYR A 260 -0.11 17.06 5.57
CA TYR A 260 -1.03 17.19 4.44
C TYR A 260 -2.28 17.89 4.91
N SER A 261 -2.11 18.95 5.68
CA SER A 261 -3.22 19.69 6.22
C SER A 261 -3.74 20.92 5.50
N PRO A 262 -5.07 21.06 5.45
CA PRO A 262 -5.68 22.21 4.79
C PRO A 262 -5.64 23.39 5.77
N LYS A 263 -5.83 23.09 7.06
CA LYS A 263 -5.81 24.10 8.11
C LYS A 263 -4.52 24.87 8.12
N LYS A 264 -3.39 24.16 8.08
CA LYS A 264 -2.09 24.80 8.15
C LYS A 264 -1.44 25.16 6.83
N GLN A 265 -0.23 25.69 6.95
CA GLN A 265 0.54 26.12 5.80
C GLN A 265 1.38 25.02 5.18
N GLU A 266 1.60 25.19 3.89
CA GLU A 266 2.42 24.27 3.12
C GLU A 266 3.72 24.12 3.88
N GLU A 267 4.17 22.89 4.07
CA GLU A 267 5.43 22.71 4.76
C GLU A 267 6.11 21.51 4.14
N TYR A 268 7.25 21.73 3.49
CA TYR A 268 7.95 20.63 2.88
C TYR A 268 9.31 20.32 3.44
N ARG A 269 9.79 19.15 3.08
CA ARG A 269 11.06 18.65 3.53
C ARG A 269 11.90 18.47 2.28
N VAL A 270 13.08 19.09 2.20
CA VAL A 270 13.86 18.92 0.99
C VAL A 270 15.15 18.19 1.32
N GLU A 271 15.58 17.34 0.40
CA GLU A 271 16.82 16.59 0.57
C GLU A 271 17.47 16.50 -0.81
N MET A 272 18.76 16.77 -0.87
CA MET A 272 19.48 16.73 -2.13
C MET A 272 20.69 15.81 -2.01
N LYS A 273 20.75 14.80 -2.87
CA LYS A 273 21.86 13.85 -2.89
C LYS A 273 22.67 13.95 -4.20
N ILE A 274 23.95 13.61 -4.11
CA ILE A 274 24.84 13.62 -5.26
C ILE A 274 25.81 12.49 -5.01
N GLU A 275 25.80 11.45 -5.86
CA GLU A 275 26.74 10.34 -5.65
C GLU A 275 28.16 10.76 -5.93
N ILE A 276 28.99 10.71 -4.90
CA ILE A 276 30.39 11.08 -5.00
C ILE A 276 31.25 9.83 -4.90
N ALA A 277 32.46 9.89 -5.47
CA ALA A 277 33.36 8.75 -5.42
C ALA A 277 34.51 9.13 -4.48
#